data_3BXH
#
_entry.id   3BXH
#
_cell.length_a   55.462
_cell.length_b   83.683
_cell.length_c   113.747
_cell.angle_alpha   90.00
_cell.angle_beta   90.00
_cell.angle_gamma   90.00
#
_symmetry.space_group_name_H-M   'P 21 21 21'
#
loop_
_entity.id
_entity.type
_entity.pdbx_description
1 polymer 'Central glycolytic gene regulator'
2 non-polymer 6-O-phosphono-beta-D-fructofuranose
3 non-polymer 'THIOCYANATE ION'
4 water water
#
_entity_poly.entity_id   1
_entity_poly.type   'polypeptide(L)'
_entity_poly.pdbx_seq_one_letter_code
;SNAKDVLGLTLLEKTLKERLNLKDAIIVSGDSDQSPWVKKEMGRAAVACMKKRFSGKNIVAVTGGTTIEAVAEMMTPDSK
NRELLFVPARGGLGEDVKNQANTICAHMAEKASGTYRLLFVPGQLSQGAYSSIIEEPSVKEVLNTIKSASMLVHGIGEAK
TMAQRRNTPLEDLKKIDDNDAVTEAFGYYFNADGEVVHKVHSVGMQLDDIDAIPDIIAVAGGSSKAEAIEAYFKKPRNTV
LVTDEGAAKKLLRDE
;
_entity_poly.pdbx_strand_id   A,B
#
# COMPACT_ATOMS: atom_id res chain seq x y z
N GLY A 8 -38.42 -9.26 -5.33
CA GLY A 8 -37.76 -8.05 -4.72
C GLY A 8 -37.38 -8.21 -3.25
N LEU A 9 -37.59 -7.14 -2.47
CA LEU A 9 -37.22 -7.10 -1.04
C LEU A 9 -38.14 -7.96 -0.16
N THR A 10 -37.57 -8.57 0.90
CA THR A 10 -38.39 -9.23 1.93
C THR A 10 -39.13 -8.14 2.66
N LEU A 11 -40.12 -8.50 3.49
CA LEU A 11 -40.79 -7.51 4.32
C LEU A 11 -39.81 -6.85 5.28
N LEU A 12 -38.86 -7.61 5.81
CA LEU A 12 -37.84 -7.04 6.71
C LEU A 12 -37.01 -5.98 5.99
N GLU A 13 -36.60 -6.27 4.75
CA GLU A 13 -35.83 -5.31 3.96
C GLU A 13 -36.67 -4.08 3.62
N LYS A 14 -37.93 -4.32 3.25
CA LYS A 14 -38.81 -3.23 2.89
C LYS A 14 -39.03 -2.31 4.12
N THR A 15 -39.21 -2.93 5.28
CA THR A 15 -39.47 -2.17 6.50
C THR A 15 -38.24 -1.36 6.90
N LEU A 16 -37.06 -1.97 6.81
CA LEU A 16 -35.82 -1.28 7.16
C LEU A 16 -35.59 -0.11 6.20
N LYS A 17 -35.85 -0.33 4.91
CA LYS A 17 -35.65 0.74 3.94
C LYS A 17 -36.54 1.94 4.29
N GLU A 18 -37.79 1.67 4.61
CA GLU A 18 -38.73 2.74 4.96
CA GLU A 18 -38.73 2.73 4.97
C GLU A 18 -38.33 3.41 6.28
N ARG A 19 -38.01 2.59 7.28
CA ARG A 19 -37.72 3.10 8.61
C ARG A 19 -36.48 3.99 8.60
N LEU A 20 -35.45 3.58 7.86
CA LEU A 20 -34.18 4.34 7.82
C LEU A 20 -34.01 5.28 6.62
N ASN A 21 -35.06 5.37 5.79
CA ASN A 21 -35.04 6.16 4.54
C ASN A 21 -33.82 5.80 3.68
N LEU A 22 -33.65 4.50 3.44
CA LEU A 22 -32.51 4.01 2.67
C LEU A 22 -32.80 4.13 1.19
N LYS A 23 -31.74 4.26 0.38
CA LYS A 23 -31.89 4.08 -1.05
C LYS A 23 -32.28 2.63 -1.34
N ASP A 24 -31.67 1.70 -0.60
CA ASP A 24 -31.99 0.28 -0.68
C ASP A 24 -31.48 -0.43 0.58
N ALA A 25 -32.08 -1.57 0.93
CA ALA A 25 -31.61 -2.36 2.07
C ALA A 25 -31.29 -3.77 1.60
N ILE A 26 -30.15 -4.30 2.03
CA ILE A 26 -29.75 -5.66 1.71
C ILE A 26 -29.46 -6.32 3.05
N ILE A 27 -30.20 -7.37 3.39
CA ILE A 27 -30.03 -8.01 4.71
C ILE A 27 -29.59 -9.45 4.55
N VAL A 28 -28.40 -9.79 5.06
CA VAL A 28 -27.93 -11.18 4.99
C VAL A 28 -28.38 -11.92 6.25
N SER A 29 -28.42 -13.24 6.21
CA SER A 29 -28.92 -14.01 7.35
C SER A 29 -27.96 -14.02 8.52
N GLY A 30 -28.52 -14.06 9.72
CA GLY A 30 -27.76 -14.33 10.93
C GLY A 30 -27.35 -13.07 11.63
N ASP A 31 -26.62 -13.24 12.73
CA ASP A 31 -26.14 -12.12 13.57
C ASP A 31 -24.61 -12.22 13.66
N SER A 32 -23.92 -11.29 13.00
CA SER A 32 -22.45 -11.30 12.97
C SER A 32 -21.82 -11.17 14.36
N ASP A 33 -22.60 -10.71 15.35
CA ASP A 33 -22.10 -10.69 16.74
C ASP A 33 -22.09 -12.07 17.40
N GLN A 34 -22.88 -12.99 16.85
CA GLN A 34 -22.91 -14.37 17.35
C GLN A 34 -22.19 -15.37 16.45
N SER A 35 -22.25 -15.11 15.14
CA SER A 35 -21.70 -16.00 14.09
C SER A 35 -20.70 -15.14 13.30
N PRO A 36 -19.40 -15.23 13.63
CA PRO A 36 -18.46 -14.25 13.06
C PRO A 36 -18.41 -14.23 11.53
N TRP A 37 -18.57 -15.39 10.90
CA TRP A 37 -18.54 -15.53 9.45
C TRP A 37 -19.62 -14.74 8.75
N VAL A 38 -20.64 -14.32 9.50
CA VAL A 38 -21.69 -13.53 8.87
C VAL A 38 -21.14 -12.20 8.35
N LYS A 39 -20.06 -11.71 8.96
CA LYS A 39 -19.40 -10.52 8.46
C LYS A 39 -18.91 -10.74 7.01
N LYS A 40 -18.43 -11.96 6.73
CA LYS A 40 -17.98 -12.34 5.39
C LYS A 40 -19.12 -12.32 4.39
N GLU A 41 -20.31 -12.72 4.83
CA GLU A 41 -21.51 -12.67 3.98
C GLU A 41 -22.00 -11.23 3.70
N MET A 42 -21.91 -10.36 4.72
CA MET A 42 -22.11 -8.94 4.46
C MET A 42 -21.10 -8.46 3.41
N GLY A 43 -19.82 -8.87 3.55
CA GLY A 43 -18.76 -8.48 2.60
C GLY A 43 -19.15 -8.91 1.19
N ARG A 44 -19.57 -10.18 1.04
CA ARG A 44 -19.95 -10.75 -0.28
C ARG A 44 -21.12 -9.99 -0.92
N ALA A 45 -22.14 -9.69 -0.11
CA ALA A 45 -23.31 -8.94 -0.59
C ALA A 45 -22.95 -7.52 -0.99
N ALA A 46 -22.05 -6.88 -0.22
CA ALA A 46 -21.63 -5.51 -0.52
C ALA A 46 -20.89 -5.47 -1.84
N VAL A 47 -19.99 -6.45 -2.05
CA VAL A 47 -19.24 -6.52 -3.33
C VAL A 47 -20.22 -6.65 -4.51
N ALA A 48 -21.23 -7.50 -4.39
CA ALA A 48 -22.22 -7.68 -5.46
C ALA A 48 -22.97 -6.36 -5.73
N CYS A 49 -23.28 -5.65 -4.65
CA CYS A 49 -23.95 -4.36 -4.72
CA CYS A 49 -23.95 -4.33 -4.73
C CYS A 49 -23.10 -3.31 -5.44
N MET A 50 -21.81 -3.26 -5.07
CA MET A 50 -20.86 -2.35 -5.72
C MET A 50 -20.85 -2.61 -7.23
N LYS A 51 -20.72 -3.88 -7.61
CA LYS A 51 -20.68 -4.25 -9.01
C LYS A 51 -21.92 -3.84 -9.81
N LYS A 52 -23.09 -3.89 -9.17
CA LYS A 52 -24.34 -3.42 -9.81
C LYS A 52 -24.33 -1.89 -10.06
N ARG A 53 -23.57 -1.15 -9.26
CA ARG A 53 -23.64 0.31 -9.34
CA ARG A 53 -23.60 0.32 -9.27
C ARG A 53 -22.47 0.96 -10.11
N PHE A 54 -21.47 0.16 -10.46
CA PHE A 54 -20.33 0.69 -11.22
C PHE A 54 -20.73 1.24 -12.56
N SER A 55 -20.08 2.34 -12.97
CA SER A 55 -20.16 2.85 -14.32
C SER A 55 -18.92 2.40 -15.07
N GLY A 56 -18.76 2.89 -16.29
CA GLY A 56 -17.57 2.59 -17.09
C GLY A 56 -16.28 2.97 -16.38
N LYS A 57 -16.32 4.08 -15.63
CA LYS A 57 -15.16 4.57 -14.88
C LYS A 57 -15.61 4.89 -13.46
N ASN A 58 -14.76 4.54 -12.50
CA ASN A 58 -15.12 4.59 -11.08
C ASN A 58 -14.00 5.05 -10.18
N ILE A 59 -14.36 5.92 -9.22
CA ILE A 59 -13.45 6.31 -8.17
C ILE A 59 -14.14 5.95 -6.87
N VAL A 60 -13.60 4.94 -6.20
CA VAL A 60 -14.26 4.34 -5.04
C VAL A 60 -13.54 4.73 -3.75
N ALA A 61 -14.18 5.55 -2.92
CA ALA A 61 -13.57 5.93 -1.63
C ALA A 61 -14.02 4.91 -0.58
N VAL A 62 -13.10 4.48 0.28
CA VAL A 62 -13.38 3.43 1.26
C VAL A 62 -12.92 3.83 2.65
N THR A 63 -13.64 3.40 3.67
CA THR A 63 -13.18 3.58 5.05
C THR A 63 -12.44 2.33 5.51
N GLY A 64 -11.82 2.39 6.69
CA GLY A 64 -11.22 1.20 7.32
C GLY A 64 -12.22 0.46 8.19
N GLY A 65 -11.72 -0.30 9.16
CA GLY A 65 -12.56 -1.12 10.02
C GLY A 65 -12.68 -2.55 9.52
N THR A 66 -13.07 -3.48 10.40
CA THR A 66 -13.09 -4.89 10.05
C THR A 66 -14.18 -5.23 9.03
N THR A 67 -15.28 -4.48 9.05
CA THR A 67 -16.37 -4.78 8.13
C THR A 67 -15.96 -4.46 6.69
N ILE A 68 -15.34 -3.32 6.47
CA ILE A 68 -14.94 -3.01 5.09
C ILE A 68 -13.73 -3.87 4.71
N GLU A 69 -12.93 -4.30 5.69
CA GLU A 69 -11.88 -5.26 5.39
C GLU A 69 -12.51 -6.55 4.84
N ALA A 70 -13.66 -6.94 5.39
CA ALA A 70 -14.39 -8.11 4.87
C ALA A 70 -14.91 -7.93 3.44
N VAL A 71 -15.31 -6.70 3.10
CA VAL A 71 -15.70 -6.35 1.73
C VAL A 71 -14.46 -6.59 0.83
N ALA A 72 -13.32 -6.04 1.25
CA ALA A 72 -12.08 -6.20 0.48
C ALA A 72 -11.74 -7.68 0.29
N GLU A 73 -11.84 -8.46 1.37
CA GLU A 73 -11.51 -9.88 1.31
C GLU A 73 -12.41 -10.65 0.30
N MET A 74 -13.65 -10.19 0.14
CA MET A 74 -14.59 -10.86 -0.77
CA MET A 74 -14.63 -10.82 -0.75
C MET A 74 -14.60 -10.25 -2.17
N MET A 75 -13.83 -9.17 -2.37
CA MET A 75 -13.77 -8.52 -3.68
C MET A 75 -13.16 -9.47 -4.71
N THR A 76 -13.62 -9.36 -5.95
CA THR A 76 -13.08 -10.15 -7.06
C THR A 76 -13.02 -9.20 -8.27
N PRO A 77 -12.20 -9.52 -9.30
CA PRO A 77 -12.20 -8.65 -10.48
C PRO A 77 -13.59 -8.53 -11.13
N ASP A 78 -13.78 -7.39 -11.80
CA ASP A 78 -15.01 -7.05 -12.51
C ASP A 78 -15.10 -7.81 -13.84
N SER A 79 -16.12 -8.66 -13.95
CA SER A 79 -16.36 -9.42 -15.19
C SER A 79 -16.58 -8.49 -16.39
N LYS A 80 -17.08 -7.28 -16.11
CA LYS A 80 -17.27 -6.27 -17.15
C LYS A 80 -16.02 -5.45 -17.46
N ASN A 81 -14.95 -5.68 -16.67
CA ASN A 81 -13.66 -5.00 -16.80
CA ASN A 81 -13.67 -5.00 -16.87
C ASN A 81 -13.77 -3.48 -16.80
N ARG A 82 -14.58 -2.96 -15.88
CA ARG A 82 -14.75 -1.52 -15.80
C ARG A 82 -13.55 -0.87 -15.09
N GLU A 83 -13.30 0.41 -15.33
CA GLU A 83 -12.14 1.08 -14.76
C GLU A 83 -12.38 1.38 -13.27
N LEU A 84 -11.46 0.92 -12.42
CA LEU A 84 -11.60 0.99 -10.96
C LEU A 84 -10.39 1.62 -10.29
N LEU A 85 -10.58 2.79 -9.67
CA LEU A 85 -9.56 3.47 -8.89
C LEU A 85 -10.07 3.58 -7.46
N PHE A 86 -9.30 3.03 -6.52
CA PHE A 86 -9.69 3.07 -5.10
C PHE A 86 -8.86 4.08 -4.31
N VAL A 87 -9.50 4.76 -3.37
CA VAL A 87 -8.81 5.73 -2.49
C VAL A 87 -9.39 5.62 -1.10
N PRO A 88 -8.60 5.96 -0.04
CA PRO A 88 -9.22 6.05 1.28
C PRO A 88 -10.11 7.29 1.33
N ALA A 89 -11.18 7.25 2.11
CA ALA A 89 -12.04 8.40 2.26
C ALA A 89 -11.35 9.53 3.02
N ARG A 90 -10.65 9.17 4.10
CA ARG A 90 -10.00 10.19 4.94
C ARG A 90 -8.57 9.78 5.30
N GLY A 91 -7.83 10.72 5.88
N GLY A 91 -7.88 10.59 6.10
CA GLY A 91 -6.47 10.46 6.33
CA GLY A 91 -6.46 10.36 6.41
C GLY A 91 -6.56 9.62 7.57
C GLY A 91 -6.12 9.77 7.76
N GLY A 92 -5.50 9.57 8.35
N GLY A 92 -6.53 8.53 8.00
CA GLY A 92 -5.56 8.98 9.68
CA GLY A 92 -6.11 7.74 9.18
C GLY A 92 -6.77 9.43 10.51
C GLY A 92 -7.14 7.41 10.25
N LEU A 93 -7.44 8.41 11.06
CA LEU A 93 -8.48 8.48 12.10
C LEU A 93 -8.05 7.84 13.43
N GLY A 94 -6.78 7.46 13.52
CA GLY A 94 -6.22 6.88 14.75
C GLY A 94 -6.38 5.37 14.89
N GLU A 95 -6.78 4.70 13.81
CA GLU A 95 -6.90 3.22 13.79
C GLU A 95 -5.51 2.57 13.76
N ASP A 96 -5.41 1.35 14.27
CA ASP A 96 -4.18 0.58 14.13
CA ASP A 96 -4.18 0.56 14.13
C ASP A 96 -4.07 0.16 12.66
N VAL A 97 -2.89 -0.29 12.25
CA VAL A 97 -2.63 -0.52 10.83
C VAL A 97 -3.66 -1.41 10.14
N LYS A 98 -4.04 -2.52 10.79
CA LYS A 98 -4.96 -3.47 10.17
C LYS A 98 -6.34 -2.86 9.87
N ASN A 99 -6.70 -1.83 10.63
CA ASN A 99 -8.01 -1.18 10.50
C ASN A 99 -8.02 0.15 9.76
N GLN A 100 -6.85 0.56 9.27
CA GLN A 100 -6.75 1.85 8.58
C GLN A 100 -7.31 1.82 7.18
N ALA A 101 -7.96 2.92 6.78
CA ALA A 101 -8.46 3.01 5.41
C ALA A 101 -7.40 2.75 4.36
N ASN A 102 -6.17 3.24 4.56
CA ASN A 102 -5.11 2.98 3.59
C ASN A 102 -4.90 1.48 3.35
N THR A 103 -5.00 0.70 4.43
CA THR A 103 -4.78 -0.76 4.39
C THR A 103 -5.92 -1.46 3.67
N ILE A 104 -7.15 -1.17 4.09
CA ILE A 104 -8.34 -1.69 3.39
C ILE A 104 -8.33 -1.32 1.89
N CYS A 105 -7.98 -0.07 1.60
CA CYS A 105 -7.97 0.43 0.24
C CYS A 105 -7.02 -0.34 -0.67
N ALA A 106 -5.79 -0.53 -0.22
CA ALA A 106 -4.82 -1.31 -1.01
C ALA A 106 -5.29 -2.77 -1.21
N HIS A 107 -5.85 -3.37 -0.15
CA HIS A 107 -6.35 -4.75 -0.22
CA HIS A 107 -6.34 -4.75 -0.22
C HIS A 107 -7.48 -4.89 -1.22
N MET A 108 -8.45 -3.98 -1.15
CA MET A 108 -9.60 -4.02 -2.04
C MET A 108 -9.17 -3.82 -3.50
N ALA A 109 -8.25 -2.89 -3.74
CA ALA A 109 -7.77 -2.64 -5.10
C ALA A 109 -7.05 -3.85 -5.69
N GLU A 110 -6.19 -4.49 -4.91
CA GLU A 110 -5.50 -5.72 -5.32
C GLU A 110 -6.50 -6.83 -5.66
N LYS A 111 -7.50 -7.02 -4.80
CA LYS A 111 -8.51 -8.06 -5.03
C LYS A 111 -9.37 -7.79 -6.27
N ALA A 112 -9.59 -6.51 -6.56
CA ALA A 112 -10.37 -6.07 -7.71
C ALA A 112 -9.58 -5.99 -9.02
N SER A 113 -8.27 -6.17 -8.96
CA SER A 113 -7.38 -5.91 -10.11
C SER A 113 -7.58 -4.46 -10.58
N GLY A 114 -7.70 -3.54 -9.63
CA GLY A 114 -7.88 -2.12 -9.95
C GLY A 114 -6.62 -1.37 -9.55
N THR A 115 -6.68 -0.04 -9.51
CA THR A 115 -5.53 0.75 -9.09
C THR A 115 -5.92 1.50 -7.83
N TYR A 116 -4.94 2.04 -7.11
CA TYR A 116 -5.26 2.79 -5.90
C TYR A 116 -4.25 3.89 -5.63
N ARG A 117 -4.67 4.86 -4.82
CA ARG A 117 -3.77 5.89 -4.33
C ARG A 117 -3.98 5.97 -2.82
N LEU A 118 -2.93 6.32 -2.09
CA LEU A 118 -3.10 6.39 -0.62
C LEU A 118 -2.88 7.82 -0.15
N LEU A 119 -3.40 8.12 1.03
CA LEU A 119 -3.18 9.41 1.68
C LEU A 119 -2.14 9.18 2.75
N PHE A 120 -1.07 9.95 2.71
CA PHE A 120 -0.03 9.74 3.70
C PHE A 120 0.06 10.96 4.58
N VAL A 121 -0.73 10.98 5.66
CA VAL A 121 -0.76 12.18 6.51
C VAL A 121 -0.29 11.96 7.97
N PRO A 122 -1.15 12.18 9.00
CA PRO A 122 -0.59 12.76 10.24
C PRO A 122 0.61 12.03 10.83
N GLY A 123 0.37 10.95 11.58
CA GLY A 123 1.43 10.18 12.21
C GLY A 123 2.09 10.92 13.36
N GLN A 124 3.41 10.78 13.48
CA GLN A 124 4.18 11.44 14.54
C GLN A 124 4.60 12.88 14.19
N LEU A 125 4.15 13.38 13.05
CA LEU A 125 4.59 14.69 12.55
C LEU A 125 3.98 15.88 13.30
N SER A 126 4.74 16.98 13.36
CA SER A 126 4.25 18.27 13.86
C SER A 126 3.08 18.79 13.03
N GLN A 127 2.34 19.75 13.59
CA GLN A 127 1.29 20.44 12.85
C GLN A 127 1.89 21.16 11.63
N GLY A 128 2.99 21.88 11.84
CA GLY A 128 3.70 22.59 10.77
C GLY A 128 4.21 21.71 9.63
N ALA A 129 4.83 20.59 9.99
CA ALA A 129 5.26 19.60 9.00
C ALA A 129 4.07 18.96 8.31
N TYR A 130 3.01 18.72 9.08
CA TYR A 130 1.75 18.17 8.56
C TYR A 130 1.15 19.06 7.46
N SER A 131 1.03 20.37 7.75
CA SER A 131 0.49 21.32 6.80
CA SER A 131 0.50 21.34 6.80
C SER A 131 1.31 21.38 5.50
N SER A 132 2.64 21.29 5.64
CA SER A 132 3.55 21.20 4.49
C SER A 132 3.22 20.00 3.59
N ILE A 133 3.10 18.81 4.19
CA ILE A 133 2.71 17.60 3.46
C ILE A 133 1.43 17.80 2.63
N ILE A 134 0.39 18.37 3.23
CA ILE A 134 -0.90 18.44 2.54
C ILE A 134 -0.95 19.48 1.40
N GLU A 135 0.10 20.28 1.31
CA GLU A 135 0.25 21.25 0.23
C GLU A 135 0.92 20.64 -1.00
N GLU A 136 1.59 19.50 -0.82
CA GLU A 136 2.44 18.95 -1.89
C GLU A 136 1.64 18.29 -3.04
N PRO A 137 2.14 18.41 -4.28
CA PRO A 137 1.42 18.05 -5.52
C PRO A 137 0.74 16.68 -5.54
N SER A 138 1.48 15.62 -5.21
CA SER A 138 0.90 14.25 -5.15
C SER A 138 -0.20 14.13 -4.10
N VAL A 139 -0.01 14.78 -2.96
CA VAL A 139 -1.02 14.75 -1.90
C VAL A 139 -2.30 15.49 -2.32
N LYS A 140 -2.14 16.66 -2.94
CA LYS A 140 -3.30 17.37 -3.47
C LYS A 140 -4.03 16.55 -4.53
N GLU A 141 -3.26 15.81 -5.32
CA GLU A 141 -3.84 14.96 -6.36
C GLU A 141 -4.77 13.90 -5.76
N VAL A 142 -4.33 13.24 -4.70
CA VAL A 142 -5.18 12.25 -4.03
C VAL A 142 -6.43 12.91 -3.41
N LEU A 143 -6.26 14.08 -2.79
CA LEU A 143 -7.39 14.79 -2.19
C LEU A 143 -8.43 15.17 -3.27
N ASN A 144 -7.93 15.58 -4.43
CA ASN A 144 -8.81 15.90 -5.56
C ASN A 144 -9.52 14.67 -6.11
N THR A 145 -8.83 13.54 -6.11
CA THR A 145 -9.41 12.26 -6.53
C THR A 145 -10.57 11.89 -5.58
N ILE A 146 -10.34 12.00 -4.28
CA ILE A 146 -11.36 11.72 -3.26
C ILE A 146 -12.57 12.65 -3.47
N LYS A 147 -12.29 13.91 -3.79
CA LYS A 147 -13.33 14.88 -4.02
C LYS A 147 -14.20 14.47 -5.22
N SER A 148 -13.61 13.67 -6.11
CA SER A 148 -14.33 13.27 -7.33
CA SER A 148 -14.28 13.25 -7.35
C SER A 148 -14.87 11.85 -7.22
N ALA A 149 -14.91 11.33 -5.99
CA ALA A 149 -15.40 9.95 -5.83
C ALA A 149 -16.80 9.76 -6.42
N SER A 150 -16.98 8.62 -7.08
CA SER A 150 -18.29 8.26 -7.62
C SER A 150 -19.02 7.29 -6.67
N MET A 151 -18.27 6.71 -5.74
CA MET A 151 -18.81 5.75 -4.79
C MET A 151 -18.07 5.89 -3.46
N LEU A 152 -18.81 5.69 -2.36
CA LEU A 152 -18.24 5.61 -1.01
C LEU A 152 -18.72 4.32 -0.39
N VAL A 153 -17.78 3.55 0.19
CA VAL A 153 -18.13 2.32 0.91
C VAL A 153 -17.65 2.49 2.35
N HIS A 154 -18.57 2.52 3.32
CA HIS A 154 -18.16 2.91 4.68
C HIS A 154 -18.75 2.02 5.76
N GLY A 155 -18.10 1.96 6.91
CA GLY A 155 -18.67 1.26 8.05
C GLY A 155 -19.44 2.21 8.95
N ILE A 156 -20.12 1.63 9.95
CA ILE A 156 -20.78 2.38 11.03
C ILE A 156 -20.43 1.66 12.32
N GLY A 157 -20.08 2.42 13.36
CA GLY A 157 -19.74 1.81 14.64
C GLY A 157 -20.42 2.47 15.81
N GLU A 158 -20.42 1.79 16.96
CA GLU A 158 -20.92 2.40 18.18
C GLU A 158 -19.91 3.45 18.61
N ALA A 159 -20.38 4.61 19.10
CA ALA A 159 -19.47 5.73 19.36
C ALA A 159 -18.40 5.38 20.38
N LYS A 160 -18.81 4.85 21.52
CA LYS A 160 -17.86 4.56 22.61
C LYS A 160 -16.82 3.51 22.16
N THR A 161 -17.30 2.45 21.52
CA THR A 161 -16.46 1.38 21.01
C THR A 161 -15.38 1.94 20.05
N MET A 162 -15.82 2.80 19.13
CA MET A 162 -14.92 3.33 18.13
CA MET A 162 -14.94 3.35 18.11
C MET A 162 -13.91 4.30 18.73
N ALA A 163 -14.38 5.11 19.68
CA ALA A 163 -13.51 6.09 20.34
C ALA A 163 -12.40 5.36 21.09
N GLN A 164 -12.74 4.27 21.75
CA GLN A 164 -11.78 3.45 22.49
C GLN A 164 -10.81 2.69 21.61
N ARG A 165 -11.29 2.10 20.52
CA ARG A 165 -10.43 1.38 19.59
C ARG A 165 -9.35 2.29 19.00
N ARG A 166 -9.73 3.52 18.69
CA ARG A 166 -8.81 4.49 18.13
C ARG A 166 -8.06 5.02 19.30
N ASN A 167 -7.10 5.89 19.09
CA ASN A 167 -6.51 6.29 20.37
C ASN A 167 -6.88 7.63 20.87
N THR A 168 -8.19 7.77 21.08
CA THR A 168 -8.81 9.05 21.32
C THR A 168 -8.30 9.69 22.63
N PRO A 169 -7.81 10.94 22.53
CA PRO A 169 -7.38 11.67 23.74
C PRO A 169 -8.48 11.71 24.78
N LEU A 170 -8.10 11.78 26.05
CA LEU A 170 -9.07 11.73 27.15
C LEU A 170 -10.04 12.89 27.07
N GLU A 171 -9.55 14.08 26.72
CA GLU A 171 -10.44 15.25 26.60
C GLU A 171 -11.52 15.06 25.54
N ASP A 172 -11.17 14.36 24.45
CA ASP A 172 -12.15 14.05 23.41
C ASP A 172 -13.08 12.92 23.82
N LEU A 173 -12.57 11.93 24.54
CA LEU A 173 -13.44 10.89 25.11
C LEU A 173 -14.51 11.51 26.01
N LYS A 174 -14.11 12.49 26.81
CA LYS A 174 -15.03 13.19 27.68
C LYS A 174 -16.10 13.95 26.87
N LYS A 175 -15.69 14.59 25.78
CA LYS A 175 -16.62 15.35 24.93
C LYS A 175 -17.64 14.43 24.25
N ILE A 176 -17.14 13.29 23.74
CA ILE A 176 -17.99 12.28 23.10
C ILE A 176 -19.07 11.77 24.06
N ASP A 177 -18.68 11.53 25.31
CA ASP A 177 -19.57 11.09 26.39
C ASP A 177 -20.55 12.20 26.78
N ASP A 178 -20.03 13.41 26.99
CA ASP A 178 -20.84 14.55 27.43
C ASP A 178 -21.92 14.94 26.44
N ASN A 179 -21.64 14.73 25.14
CA ASN A 179 -22.57 15.10 24.08
C ASN A 179 -23.44 13.91 23.67
N ASP A 180 -23.34 12.83 24.44
CA ASP A 180 -24.15 11.62 24.23
C ASP A 180 -24.11 11.09 22.82
N ALA A 181 -22.90 11.01 22.25
CA ALA A 181 -22.72 10.36 20.98
C ALA A 181 -23.12 8.89 21.13
N VAL A 182 -23.74 8.38 20.07
CA VAL A 182 -24.16 6.97 20.06
CA VAL A 182 -24.31 7.02 19.98
C VAL A 182 -23.64 6.22 18.85
N THR A 183 -23.27 6.93 17.78
CA THR A 183 -22.85 6.25 16.58
C THR A 183 -21.67 6.99 15.96
N GLU A 184 -20.96 6.31 15.07
CA GLU A 184 -19.79 6.88 14.41
C GLU A 184 -19.75 6.42 12.96
N ALA A 185 -19.32 7.30 12.06
CA ALA A 185 -19.02 6.89 10.68
C ALA A 185 -18.01 7.86 10.09
N PHE A 186 -17.05 7.32 9.34
CA PHE A 186 -15.97 8.08 8.69
C PHE A 186 -15.43 9.26 9.49
N GLY A 187 -15.18 9.04 10.78
CA GLY A 187 -14.53 10.05 11.64
C GLY A 187 -15.45 11.09 12.24
N TYR A 188 -16.77 10.88 12.12
CA TYR A 188 -17.75 11.76 12.75
C TYR A 188 -18.51 10.99 13.78
N TYR A 189 -18.75 11.62 14.94
CA TYR A 189 -19.54 11.01 16.00
C TYR A 189 -20.86 11.76 16.07
N PHE A 190 -21.96 11.00 16.10
CA PHE A 190 -23.33 11.56 16.04
C PHE A 190 -24.14 11.14 17.28
N ASN A 191 -25.04 12.02 17.72
CA ASN A 191 -25.99 11.70 18.78
C ASN A 191 -27.17 10.88 18.27
N ALA A 192 -28.14 10.60 19.14
CA ALA A 192 -29.32 9.75 18.81
C ALA A 192 -30.18 10.33 17.68
N ASP A 193 -30.10 11.65 17.47
CA ASP A 193 -30.88 12.30 16.40
C ASP A 193 -30.08 12.42 15.11
N GLY A 194 -28.93 11.76 15.05
CA GLY A 194 -28.05 11.76 13.89
C GLY A 194 -27.34 13.06 13.60
N GLU A 195 -27.20 13.93 14.62
CA GLU A 195 -26.50 15.21 14.49
C GLU A 195 -25.04 15.04 14.86
N VAL A 196 -24.14 15.66 14.11
CA VAL A 196 -22.73 15.60 14.47
C VAL A 196 -22.51 16.25 15.83
N VAL A 197 -21.86 15.54 16.75
CA VAL A 197 -21.47 16.19 18.01
C VAL A 197 -19.96 16.25 18.25
N HIS A 198 -19.19 15.45 17.50
CA HIS A 198 -17.73 15.52 17.56
C HIS A 198 -17.16 15.00 16.25
N LYS A 199 -16.06 15.58 15.83
CA LYS A 199 -15.44 15.16 14.57
C LYS A 199 -13.93 14.94 14.80
N VAL A 200 -13.42 13.83 14.27
CA VAL A 200 -11.98 13.63 14.19
C VAL A 200 -11.44 14.51 13.08
N HIS A 201 -10.42 15.28 13.41
N HIS A 201 -10.42 15.28 13.37
CA HIS A 201 -9.67 16.11 12.47
CA HIS A 201 -9.86 16.17 12.36
C HIS A 201 -8.96 15.19 11.49
C HIS A 201 -8.84 15.48 11.46
N SER A 202 -9.22 15.38 10.19
CA SER A 202 -8.52 14.60 9.17
C SER A 202 -8.83 15.14 7.79
N VAL A 203 -7.83 15.07 6.90
CA VAL A 203 -8.01 15.55 5.53
C VAL A 203 -8.86 14.56 4.72
N GLY A 204 -9.28 14.99 3.53
CA GLY A 204 -10.08 14.14 2.64
C GLY A 204 -11.56 14.45 2.77
N MET A 205 -12.38 13.41 2.61
CA MET A 205 -13.82 13.54 2.63
C MET A 205 -14.35 14.12 3.92
N GLN A 206 -15.22 15.09 3.77
CA GLN A 206 -15.94 15.69 4.89
CA GLN A 206 -15.93 15.66 4.90
C GLN A 206 -17.40 15.27 4.79
N LEU A 207 -18.16 15.40 5.86
CA LEU A 207 -19.55 14.97 5.82
C LEU A 207 -20.38 15.68 4.76
N ASP A 208 -20.10 16.96 4.54
CA ASP A 208 -20.81 17.72 3.51
C ASP A 208 -20.53 17.20 2.09
N ASP A 209 -19.42 16.46 1.92
CA ASP A 209 -19.03 15.93 0.60
C ASP A 209 -19.84 14.69 0.18
N ILE A 210 -20.46 14.00 1.13
CA ILE A 210 -21.17 12.74 0.77
C ILE A 210 -22.39 12.98 -0.14
N ASP A 211 -23.01 14.15 0.01
CA ASP A 211 -24.17 14.47 -0.81
C ASP A 211 -23.85 14.36 -2.29
N ALA A 212 -22.64 14.77 -2.69
CA ALA A 212 -22.27 14.77 -4.12
C ALA A 212 -21.86 13.40 -4.68
N ILE A 213 -21.68 12.42 -3.81
CA ILE A 213 -21.26 11.08 -4.22
C ILE A 213 -22.51 10.30 -4.63
N PRO A 214 -22.58 9.87 -5.90
CA PRO A 214 -23.77 9.20 -6.46
C PRO A 214 -24.17 7.93 -5.68
N ASP A 215 -23.21 7.05 -5.40
CA ASP A 215 -23.53 5.80 -4.74
C ASP A 215 -22.80 5.64 -3.41
N ILE A 216 -23.57 5.59 -2.32
CA ILE A 216 -23.00 5.35 -1.00
C ILE A 216 -23.51 4.03 -0.49
N ILE A 217 -22.57 3.16 -0.12
CA ILE A 217 -22.92 1.85 0.45
C ILE A 217 -22.33 1.75 1.88
N ALA A 218 -23.22 1.66 2.86
CA ALA A 218 -22.79 1.41 4.24
C ALA A 218 -22.88 -0.07 4.48
N VAL A 219 -21.88 -0.62 5.18
CA VAL A 219 -21.84 -2.04 5.50
C VAL A 219 -21.62 -2.15 7.01
N ALA A 220 -22.62 -2.63 7.73
CA ALA A 220 -22.53 -2.68 9.20
C ALA A 220 -23.64 -3.57 9.70
N GLY A 221 -23.30 -4.45 10.63
CA GLY A 221 -24.29 -5.35 11.22
C GLY A 221 -23.93 -5.83 12.61
N GLY A 222 -24.71 -6.80 13.09
CA GLY A 222 -24.55 -7.33 14.43
C GLY A 222 -25.55 -6.64 15.35
N SER A 223 -26.16 -7.41 16.25
CA SER A 223 -27.17 -6.83 17.15
C SER A 223 -26.62 -5.66 18.00
N SER A 224 -25.32 -5.68 18.33
CA SER A 224 -24.70 -4.61 19.13
C SER A 224 -24.69 -3.25 18.40
N LYS A 225 -24.92 -3.26 17.10
CA LYS A 225 -24.91 -2.01 16.32
C LYS A 225 -26.31 -1.51 15.95
N ALA A 226 -27.35 -2.17 16.45
CA ALA A 226 -28.72 -1.76 16.07
C ALA A 226 -28.99 -0.26 16.42
N GLU A 227 -28.65 0.14 17.64
CA GLU A 227 -28.84 1.52 18.09
CA GLU A 227 -28.86 1.53 18.07
C GLU A 227 -28.01 2.50 17.25
N ALA A 228 -26.76 2.14 16.99
CA ALA A 228 -25.84 2.99 16.21
C ALA A 228 -26.34 3.19 14.78
N ILE A 229 -26.81 2.11 14.16
CA ILE A 229 -27.34 2.18 12.80
C ILE A 229 -28.59 3.06 12.72
N GLU A 230 -29.53 2.82 13.61
CA GLU A 230 -30.74 3.65 13.65
C GLU A 230 -30.39 5.13 13.76
N ALA A 231 -29.46 5.46 14.67
CA ALA A 231 -29.12 6.85 14.92
C ALA A 231 -28.44 7.49 13.72
N TYR A 232 -27.51 6.77 13.06
CA TYR A 232 -26.83 7.33 11.90
C TYR A 232 -27.85 7.71 10.80
N PHE A 233 -28.84 6.84 10.63
CA PHE A 233 -29.84 7.03 9.59
C PHE A 233 -31.05 7.87 10.01
N LYS A 234 -30.97 8.50 11.18
CA LYS A 234 -32.02 9.44 11.59
C LYS A 234 -32.11 10.65 10.65
N LYS A 235 -31.00 11.00 10.01
CA LYS A 235 -31.01 12.01 8.95
C LYS A 235 -31.00 11.29 7.59
N PRO A 236 -31.47 11.98 6.52
CA PRO A 236 -31.43 11.39 5.16
C PRO A 236 -30.00 11.26 4.62
N ARG A 237 -29.59 10.05 4.24
CA ARG A 237 -28.23 9.83 3.77
C ARG A 237 -28.17 9.32 2.34
N ASN A 238 -29.34 9.08 1.74
CA ASN A 238 -29.45 8.49 0.39
CA ASN A 238 -29.43 8.51 0.38
C ASN A 238 -28.47 7.34 0.17
N THR A 239 -28.47 6.41 1.12
CA THR A 239 -27.46 5.37 1.19
C THR A 239 -28.06 3.99 1.09
N VAL A 240 -27.30 3.07 0.49
CA VAL A 240 -27.69 1.67 0.50
C VAL A 240 -27.05 1.05 1.74
N LEU A 241 -27.85 0.36 2.56
CA LEU A 241 -27.27 -0.33 3.72
C LEU A 241 -27.23 -1.82 3.48
N VAL A 242 -26.04 -2.39 3.66
CA VAL A 242 -25.86 -3.85 3.69
C VAL A 242 -25.67 -4.22 5.16
N THR A 243 -26.55 -5.05 5.69
CA THR A 243 -26.54 -5.36 7.13
C THR A 243 -26.95 -6.82 7.31
N ASP A 244 -27.17 -7.24 8.55
CA ASP A 244 -27.60 -8.62 8.81
C ASP A 244 -28.85 -8.62 9.64
N GLU A 245 -29.46 -9.80 9.81
CA GLU A 245 -30.69 -9.95 10.56
C GLU A 245 -30.48 -9.55 12.02
N GLY A 246 -29.27 -9.80 12.54
CA GLY A 246 -28.92 -9.45 13.94
C GLY A 246 -29.21 -7.98 14.20
N ALA A 247 -28.64 -7.12 13.34
CA ALA A 247 -28.89 -5.69 13.45
C ALA A 247 -30.33 -5.33 13.10
N ALA A 248 -30.83 -5.83 11.97
CA ALA A 248 -32.14 -5.38 11.44
C ALA A 248 -33.31 -5.79 12.32
N LYS A 249 -33.32 -7.05 12.77
CA LYS A 249 -34.41 -7.51 13.63
C LYS A 249 -34.43 -6.77 14.95
N LYS A 250 -33.23 -6.49 15.50
CA LYS A 250 -33.22 -5.78 16.77
C LYS A 250 -33.70 -4.34 16.59
N LEU A 251 -33.21 -3.68 15.55
CA LEU A 251 -33.62 -2.30 15.25
C LEU A 251 -35.13 -2.19 15.04
N LEU A 252 -35.68 -3.13 14.28
CA LEU A 252 -37.10 -3.12 13.93
C LEU A 252 -38.00 -3.79 14.96
N ARG A 253 -37.42 -4.26 16.06
CA ARG A 253 -38.16 -5.01 17.09
C ARG A 253 -38.94 -6.21 16.55
N ASP A 254 -38.25 -7.00 15.74
CA ASP A 254 -38.83 -8.20 15.16
C ASP A 254 -37.99 -9.41 15.59
N GLU A 255 -37.45 -9.34 16.81
CA GLU A 255 -36.48 -10.30 17.43
C GLU A 255 -35.32 -9.58 18.16
N SER B 1 24.94 -27.89 -6.35
CA SER B 1 23.56 -28.35 -6.46
C SER B 1 23.35 -29.20 -7.71
N ASN B 2 22.82 -30.40 -7.51
CA ASN B 2 22.59 -31.30 -8.70
CA ASN B 2 22.54 -31.32 -8.68
C ASN B 2 21.57 -30.74 -9.68
N ALA B 3 20.53 -30.07 -9.16
CA ALA B 3 19.56 -29.39 -10.01
C ALA B 3 20.24 -28.36 -10.89
N LYS B 4 21.03 -27.49 -10.28
CA LYS B 4 21.75 -26.46 -11.02
C LYS B 4 22.74 -27.07 -12.00
N ASP B 5 23.43 -28.13 -11.56
CA ASP B 5 24.38 -28.84 -12.42
C ASP B 5 23.71 -29.37 -13.67
N VAL B 6 22.64 -30.17 -13.53
CA VAL B 6 21.98 -30.79 -14.68
CA VAL B 6 21.99 -30.78 -14.71
C VAL B 6 21.39 -29.74 -15.64
N LEU B 7 20.92 -28.62 -15.07
CA LEU B 7 20.32 -27.55 -15.87
C LEU B 7 21.34 -26.60 -16.53
N GLY B 8 22.61 -26.77 -16.20
CA GLY B 8 23.70 -25.95 -16.76
C GLY B 8 23.85 -24.60 -16.05
N LEU B 9 23.09 -24.43 -14.97
CA LEU B 9 23.11 -23.17 -14.22
C LEU B 9 24.40 -22.98 -13.44
N THR B 10 25.00 -24.06 -12.96
CA THR B 10 26.25 -23.95 -12.21
C THR B 10 27.31 -23.27 -13.07
N LEU B 11 27.44 -23.75 -14.30
CA LEU B 11 28.39 -23.16 -15.24
C LEU B 11 27.96 -21.74 -15.63
N LEU B 12 26.67 -21.54 -15.87
CA LEU B 12 26.18 -20.22 -16.27
C LEU B 12 26.47 -19.19 -15.16
N GLU B 13 26.26 -19.58 -13.90
CA GLU B 13 26.57 -18.71 -12.75
C GLU B 13 28.07 -18.38 -12.71
N LYS B 14 28.93 -19.37 -12.87
CA LYS B 14 30.37 -19.09 -12.84
C LYS B 14 30.76 -18.11 -13.95
N THR B 15 30.21 -18.34 -15.15
CA THR B 15 30.51 -17.49 -16.30
C THR B 15 30.01 -16.07 -16.06
N LEU B 16 28.79 -15.94 -15.54
CA LEU B 16 28.24 -14.60 -15.29
C LEU B 16 29.01 -13.85 -14.20
N LYS B 17 29.33 -14.54 -13.10
CA LYS B 17 30.11 -13.95 -12.01
C LYS B 17 31.43 -13.43 -12.53
N GLU B 18 32.10 -14.25 -13.33
CA GLU B 18 33.39 -13.84 -13.92
CA GLU B 18 33.38 -13.84 -13.90
C GLU B 18 33.24 -12.67 -14.89
N ARG B 19 32.20 -12.68 -15.70
CA ARG B 19 31.95 -11.62 -16.70
C ARG B 19 31.69 -10.26 -16.04
N LEU B 20 30.92 -10.27 -14.96
CA LEU B 20 30.49 -9.03 -14.32
C LEU B 20 31.29 -8.68 -13.05
N ASN B 21 32.25 -9.54 -12.68
CA ASN B 21 33.01 -9.40 -11.45
CA ASN B 21 33.01 -9.43 -11.44
C ASN B 21 32.10 -9.24 -10.22
N LEU B 22 31.15 -10.17 -10.06
CA LEU B 22 30.18 -10.11 -8.97
C LEU B 22 30.75 -10.79 -7.77
N LYS B 23 30.20 -10.47 -6.59
CA LYS B 23 30.55 -11.18 -5.38
C LYS B 23 30.05 -12.62 -5.53
N ASP B 24 28.84 -12.76 -6.09
CA ASP B 24 28.29 -14.06 -6.49
C ASP B 24 27.15 -13.82 -7.45
N ALA B 25 26.81 -14.87 -8.20
CA ALA B 25 25.70 -14.86 -9.15
C ALA B 25 24.79 -16.05 -8.84
N ILE B 26 23.49 -15.78 -8.74
CA ILE B 26 22.48 -16.80 -8.57
C ILE B 26 21.52 -16.65 -9.76
N ILE B 27 21.33 -17.71 -10.54
CA ILE B 27 20.51 -17.65 -11.74
C ILE B 27 19.42 -18.71 -11.63
N VAL B 28 18.17 -18.30 -11.85
CA VAL B 28 17.03 -19.25 -11.90
C VAL B 28 16.70 -19.55 -13.35
N SER B 29 16.10 -20.71 -13.60
CA SER B 29 15.74 -21.07 -14.97
C SER B 29 14.71 -20.14 -15.60
N GLY B 30 14.79 -19.98 -16.91
CA GLY B 30 13.74 -19.31 -17.66
C GLY B 30 13.95 -17.83 -17.88
N ASP B 31 12.96 -17.21 -18.51
CA ASP B 31 12.97 -15.78 -18.85
C ASP B 31 11.73 -15.11 -18.28
N SER B 32 11.91 -14.27 -17.26
CA SER B 32 10.80 -13.56 -16.62
C SER B 32 10.01 -12.64 -17.55
N ASP B 33 10.59 -12.24 -18.68
CA ASP B 33 9.83 -11.47 -19.64
C ASP B 33 8.80 -12.33 -20.38
N GLN B 34 9.01 -13.64 -20.38
CA GLN B 34 8.14 -14.60 -21.09
C GLN B 34 7.26 -15.41 -20.13
N SER B 35 7.80 -15.79 -18.97
CA SER B 35 7.14 -16.71 -18.03
C SER B 35 6.98 -16.07 -16.66
N PRO B 36 5.73 -15.81 -16.21
CA PRO B 36 5.49 -15.02 -14.98
C PRO B 36 6.08 -15.66 -13.72
N TRP B 37 6.10 -16.99 -13.66
CA TRP B 37 6.56 -17.66 -12.43
C TRP B 37 8.05 -17.46 -12.19
N VAL B 38 8.78 -17.09 -13.23
CA VAL B 38 10.23 -16.94 -13.10
C VAL B 38 10.58 -15.78 -12.16
N LYS B 39 9.80 -14.70 -12.20
CA LYS B 39 10.05 -13.61 -11.26
C LYS B 39 9.88 -14.06 -9.80
N LYS B 40 8.91 -14.94 -9.58
CA LYS B 40 8.65 -15.46 -8.24
C LYS B 40 9.84 -16.32 -7.82
N GLU B 41 10.39 -17.08 -8.75
CA GLU B 41 11.59 -17.89 -8.46
C GLU B 41 12.82 -17.03 -8.16
N MET B 42 12.95 -15.89 -8.84
CA MET B 42 14.01 -14.93 -8.46
C MET B 42 13.79 -14.44 -7.04
N GLY B 43 12.53 -14.16 -6.71
CA GLY B 43 12.15 -13.73 -5.35
C GLY B 43 12.56 -14.78 -4.34
N ARG B 44 12.22 -16.05 -4.61
CA ARG B 44 12.53 -17.13 -3.69
C ARG B 44 14.06 -17.23 -3.49
N ALA B 45 14.81 -17.15 -4.59
CA ALA B 45 16.26 -17.26 -4.55
C ALA B 45 16.88 -16.10 -3.75
N ALA B 46 16.32 -14.90 -3.94
CA ALA B 46 16.79 -13.73 -3.18
C ALA B 46 16.56 -13.90 -1.67
N VAL B 47 15.38 -14.41 -1.31
CA VAL B 47 15.06 -14.67 0.11
C VAL B 47 16.07 -15.63 0.73
N ALA B 48 16.38 -16.70 0.02
CA ALA B 48 17.40 -17.66 0.46
C ALA B 48 18.75 -17.00 0.69
N CYS B 49 19.13 -16.16 -0.26
CA CYS B 49 20.34 -15.36 -0.18
CA CYS B 49 20.36 -15.35 -0.16
C CYS B 49 20.37 -14.45 1.07
N MET B 50 19.26 -13.76 1.31
CA MET B 50 19.13 -12.88 2.47
C MET B 50 19.32 -13.68 3.75
N LYS B 51 18.61 -14.80 3.86
CA LYS B 51 18.65 -15.62 5.10
C LYS B 51 20.03 -16.20 5.39
N LYS B 52 20.76 -16.55 4.33
CA LYS B 52 22.12 -17.02 4.46
C LYS B 52 23.03 -15.93 5.03
N ARG B 53 22.70 -14.67 4.72
CA ARG B 53 23.53 -13.53 5.12
C ARG B 53 23.12 -12.77 6.39
N PHE B 54 21.92 -13.03 6.92
CA PHE B 54 21.50 -12.33 8.15
C PHE B 54 22.48 -12.62 9.28
N SER B 55 22.68 -11.66 10.17
CA SER B 55 23.40 -11.87 11.42
CA SER B 55 23.40 -11.91 11.41
C SER B 55 22.40 -11.85 12.58
N GLY B 56 22.88 -11.70 13.80
CA GLY B 56 21.95 -11.68 14.94
C GLY B 56 21.00 -10.49 14.95
N LYS B 57 21.44 -9.35 14.41
CA LYS B 57 20.65 -8.14 14.33
C LYS B 57 20.80 -7.56 12.93
N ASN B 58 19.69 -7.17 12.30
CA ASN B 58 19.69 -6.78 10.89
C ASN B 58 18.85 -5.57 10.65
N ILE B 59 19.41 -4.61 9.91
CA ILE B 59 18.65 -3.49 9.34
C ILE B 59 18.71 -3.64 7.81
N VAL B 60 17.56 -3.97 7.20
CA VAL B 60 17.50 -4.37 5.79
C VAL B 60 16.82 -3.22 5.02
N ALA B 61 17.59 -2.57 4.16
CA ALA B 61 17.06 -1.48 3.34
C ALA B 61 16.61 -2.12 2.02
N VAL B 62 15.43 -1.73 1.57
CA VAL B 62 14.87 -2.29 0.35
C VAL B 62 14.41 -1.21 -0.59
N THR B 63 14.47 -1.48 -1.90
CA THR B 63 13.90 -0.57 -2.89
C THR B 63 12.51 -1.05 -3.29
N GLY B 64 11.80 -0.25 -4.09
CA GLY B 64 10.54 -0.70 -4.65
C GLY B 64 10.75 -1.43 -5.98
N GLY B 65 9.68 -1.47 -6.76
CA GLY B 65 9.65 -2.17 -8.05
C GLY B 65 9.00 -3.53 -7.89
N THR B 66 8.62 -4.12 -9.01
CA THR B 66 7.88 -5.38 -9.00
C THR B 66 8.78 -6.56 -8.60
N THR B 67 10.08 -6.43 -8.86
CA THR B 67 10.98 -7.55 -8.55
C THR B 67 11.21 -7.68 -7.05
N ILE B 68 11.42 -6.57 -6.36
CA ILE B 68 11.59 -6.65 -4.91
C ILE B 68 10.24 -6.99 -4.24
N GLU B 69 9.16 -6.60 -4.89
CA GLU B 69 7.83 -7.04 -4.42
C GLU B 69 7.73 -8.57 -4.47
N ALA B 70 8.28 -9.19 -5.50
CA ALA B 70 8.33 -10.66 -5.56
C ALA B 70 9.20 -11.29 -4.44
N VAL B 71 10.31 -10.63 -4.10
CA VAL B 71 11.11 -11.03 -2.92
C VAL B 71 10.23 -10.97 -1.65
N ALA B 72 9.53 -9.86 -1.46
CA ALA B 72 8.61 -9.71 -0.32
C ALA B 72 7.57 -10.83 -0.32
N GLU B 73 7.01 -11.14 -1.49
CA GLU B 73 5.95 -12.13 -1.57
C GLU B 73 6.44 -13.52 -1.17
N MET B 74 7.71 -13.79 -1.48
CA MET B 74 8.31 -15.10 -1.18
C MET B 74 8.98 -15.16 0.22
N MET B 75 8.98 -14.04 0.93
CA MET B 75 9.62 -13.99 2.24
C MET B 75 8.85 -14.82 3.28
N THR B 76 9.56 -15.43 4.22
CA THR B 76 8.94 -16.20 5.31
C THR B 76 9.69 -15.90 6.60
N PRO B 77 9.07 -16.19 7.76
CA PRO B 77 9.76 -15.96 9.04
C PRO B 77 11.12 -16.64 9.17
N ASP B 78 11.99 -16.05 9.99
CA ASP B 78 13.33 -16.57 10.21
C ASP B 78 13.27 -17.69 11.25
N SER B 79 13.64 -18.90 10.85
CA SER B 79 13.63 -20.02 11.78
C SER B 79 14.62 -19.86 12.94
N LYS B 80 15.68 -19.07 12.71
CA LYS B 80 16.64 -18.72 13.76
C LYS B 80 16.15 -17.57 14.64
N ASN B 81 15.02 -16.97 14.25
CA ASN B 81 14.41 -15.84 14.96
C ASN B 81 15.40 -14.71 15.24
N ARG B 82 16.14 -14.31 14.21
CA ARG B 82 17.07 -13.19 14.35
C ARG B 82 16.29 -11.87 14.26
N GLU B 83 16.91 -10.77 14.64
CA GLU B 83 16.20 -9.51 14.76
C GLU B 83 16.20 -8.83 13.40
N LEU B 84 15.01 -8.49 12.91
CA LEU B 84 14.84 -7.98 11.54
C LEU B 84 14.07 -6.69 11.53
N LEU B 85 14.72 -5.63 11.10
CA LEU B 85 14.06 -4.34 10.91
C LEU B 85 14.26 -3.97 9.44
N PHE B 86 13.15 -3.69 8.75
CA PHE B 86 13.16 -3.31 7.33
C PHE B 86 12.86 -1.84 7.17
N VAL B 87 13.60 -1.20 6.28
CA VAL B 87 13.38 0.22 5.98
C VAL B 87 13.44 0.39 4.46
N PRO B 88 12.80 1.44 3.92
CA PRO B 88 13.01 1.77 2.53
C PRO B 88 14.41 2.38 2.38
N ALA B 89 15.11 2.12 1.28
CA ALA B 89 16.40 2.74 1.04
C ALA B 89 16.31 4.26 0.87
N ARG B 90 15.30 4.70 0.10
CA ARG B 90 15.11 6.12 -0.22
C ARG B 90 13.64 6.54 -0.11
N GLY B 91 13.29 7.69 -0.68
CA GLY B 91 11.96 8.29 -0.48
C GLY B 91 10.83 7.84 -1.39
N GLY B 92 11.04 6.87 -2.26
CA GLY B 92 9.94 6.41 -3.14
C GLY B 92 10.12 6.74 -4.62
N LEU B 93 10.85 7.83 -4.89
CA LEU B 93 11.44 8.05 -6.23
C LEU B 93 10.43 8.29 -7.37
N GLY B 94 9.22 8.73 -7.03
CA GLY B 94 8.23 9.05 -8.05
C GLY B 94 7.48 7.85 -8.60
N GLU B 95 7.67 6.70 -7.94
CA GLU B 95 6.88 5.50 -8.26
C GLU B 95 5.44 5.70 -7.78
N ASP B 96 4.49 5.07 -8.47
CA ASP B 96 3.14 4.98 -7.93
C ASP B 96 3.20 4.14 -6.67
N VAL B 97 2.26 4.39 -5.76
CA VAL B 97 2.32 3.79 -4.43
C VAL B 97 2.53 2.26 -4.43
N LYS B 98 1.91 1.54 -5.37
CA LYS B 98 2.09 0.07 -5.42
C LYS B 98 3.55 -0.35 -5.53
N ASN B 99 4.33 0.43 -6.27
CA ASN B 99 5.73 0.09 -6.55
C ASN B 99 6.75 0.78 -5.65
N GLN B 100 6.27 1.63 -4.74
CA GLN B 100 7.14 2.37 -3.83
C GLN B 100 7.84 1.50 -2.81
N ALA B 101 9.07 1.89 -2.48
CA ALA B 101 9.84 1.20 -1.45
C ALA B 101 9.05 1.02 -0.14
N ASN B 102 8.28 2.02 0.29
CA ASN B 102 7.49 1.88 1.54
C ASN B 102 6.54 0.69 1.45
N THR B 103 5.95 0.49 0.28
CA THR B 103 4.98 -0.58 0.11
C THR B 103 5.69 -1.92 0.18
N ILE B 104 6.74 -2.09 -0.60
CA ILE B 104 7.59 -3.29 -0.56
C ILE B 104 8.13 -3.58 0.85
N CYS B 105 8.59 -2.54 1.52
CA CYS B 105 9.15 -2.63 2.87
C CYS B 105 8.14 -3.23 3.86
N ALA B 106 6.96 -2.62 3.94
CA ALA B 106 5.89 -3.11 4.81
C ALA B 106 5.49 -4.55 4.48
N HIS B 107 5.36 -4.86 3.20
CA HIS B 107 4.99 -6.22 2.80
C HIS B 107 6.07 -7.22 3.24
N MET B 108 7.33 -6.87 3.00
CA MET B 108 8.43 -7.76 3.32
C MET B 108 8.50 -8.01 4.84
N ALA B 109 8.41 -6.92 5.62
CA ALA B 109 8.43 -7.03 7.08
C ALA B 109 7.32 -7.92 7.64
N GLU B 110 6.11 -7.78 7.12
CA GLU B 110 4.98 -8.59 7.58
C GLU B 110 5.24 -10.06 7.30
N LYS B 111 5.67 -10.36 6.07
CA LYS B 111 5.98 -11.73 5.68
C LYS B 111 7.12 -12.34 6.49
N ALA B 112 8.09 -11.51 6.89
CA ALA B 112 9.27 -11.97 7.63
C ALA B 112 8.97 -12.03 9.13
N SER B 113 7.79 -11.52 9.52
CA SER B 113 7.44 -11.38 10.92
CA SER B 113 7.42 -11.37 10.92
C SER B 113 8.46 -10.50 11.62
N GLY B 114 8.91 -9.47 10.92
CA GLY B 114 9.90 -8.53 11.45
C GLY B 114 9.20 -7.23 11.75
N THR B 115 9.97 -6.15 11.88
CA THR B 115 9.39 -4.83 12.10
C THR B 115 9.83 -3.92 10.96
N TYR B 116 9.19 -2.77 10.82
CA TYR B 116 9.56 -1.87 9.74
C TYR B 116 9.37 -0.45 10.18
N ARG B 117 10.08 0.45 9.51
CA ARG B 117 9.88 1.89 9.70
C ARG B 117 9.86 2.59 8.35
N LEU B 118 8.76 3.28 8.07
CA LEU B 118 8.61 3.91 6.76
C LEU B 118 9.10 5.35 6.72
N LEU B 119 9.34 5.85 5.52
CA LEU B 119 9.89 7.16 5.32
C LEU B 119 8.89 7.92 4.45
N PHE B 120 8.30 8.99 4.98
CA PHE B 120 7.31 9.76 4.22
C PHE B 120 7.85 11.15 3.92
N VAL B 121 8.55 11.25 2.80
CA VAL B 121 9.08 12.50 2.32
C VAL B 121 8.69 12.53 0.85
N PRO B 122 7.60 13.26 0.54
CA PRO B 122 7.14 13.35 -0.84
C PRO B 122 8.21 14.01 -1.73
N GLY B 123 8.29 13.54 -2.98
CA GLY B 123 9.32 13.95 -3.92
C GLY B 123 9.27 15.36 -4.50
N GLN B 124 8.14 16.06 -4.33
CA GLN B 124 7.97 17.39 -4.94
C GLN B 124 7.73 18.52 -3.91
N LEU B 125 8.39 18.41 -2.77
CA LEU B 125 8.28 19.42 -1.74
C LEU B 125 9.01 20.68 -2.18
N SER B 126 8.49 21.84 -1.80
CA SER B 126 9.21 23.10 -2.00
C SER B 126 10.47 23.08 -1.14
N GLN B 127 11.42 23.95 -1.46
CA GLN B 127 12.63 24.07 -0.62
C GLN B 127 12.30 24.25 0.85
N GLY B 128 11.36 25.16 1.13
CA GLY B 128 10.99 25.47 2.53
C GLY B 128 10.35 24.28 3.21
N ALA B 129 9.44 23.61 2.51
CA ALA B 129 8.72 22.46 3.07
C ALA B 129 9.69 21.31 3.35
N TYR B 130 10.64 21.13 2.45
CA TYR B 130 11.66 20.09 2.60
C TYR B 130 12.51 20.34 3.84
N SER B 131 13.00 21.58 3.97
CA SER B 131 13.80 21.99 5.14
C SER B 131 13.10 21.68 6.45
N SER B 132 11.79 21.89 6.52
CA SER B 132 11.11 21.65 7.78
C SER B 132 10.90 20.16 8.01
N ILE B 133 10.52 19.45 6.95
CA ILE B 133 10.22 18.02 7.11
C ILE B 133 11.45 17.20 7.50
N ILE B 134 12.63 17.53 6.99
CA ILE B 134 13.82 16.71 7.32
C ILE B 134 14.33 16.94 8.75
N GLU B 135 13.84 17.98 9.41
CA GLU B 135 14.21 18.24 10.80
C GLU B 135 13.26 17.57 11.77
N GLU B 136 12.17 16.99 11.24
CA GLU B 136 11.19 16.30 12.05
C GLU B 136 11.80 15.05 12.70
N PRO B 137 11.69 14.93 14.04
CA PRO B 137 12.27 13.79 14.73
C PRO B 137 11.95 12.44 14.10
N SER B 138 10.69 12.22 13.69
CA SER B 138 10.33 10.92 13.07
C SER B 138 11.07 10.67 11.75
N VAL B 139 11.28 11.72 10.97
CA VAL B 139 12.00 11.58 9.71
C VAL B 139 13.47 11.34 10.01
N LYS B 140 14.03 12.13 10.94
CA LYS B 140 15.43 11.96 11.33
C LYS B 140 15.74 10.55 11.80
N GLU B 141 14.83 10.00 12.61
CA GLU B 141 14.98 8.66 13.14
C GLU B 141 15.09 7.62 12.04
N VAL B 142 14.21 7.69 11.03
CA VAL B 142 14.22 6.70 9.93
C VAL B 142 15.49 6.85 9.10
N LEU B 143 15.84 8.10 8.77
CA LEU B 143 17.08 8.37 8.05
C LEU B 143 18.30 7.82 8.77
N ASN B 144 18.35 7.98 10.09
CA ASN B 144 19.44 7.42 10.88
C ASN B 144 19.48 5.89 10.83
N THR B 145 18.30 5.26 10.85
CA THR B 145 18.23 3.81 10.70
C THR B 145 18.80 3.37 9.35
N ILE B 146 18.38 4.04 8.29
CA ILE B 146 18.89 3.73 6.94
C ILE B 146 20.41 3.84 6.87
N LYS B 147 20.97 4.86 7.55
CA LYS B 147 22.42 5.06 7.60
CA LYS B 147 22.43 5.06 7.62
C LYS B 147 23.19 3.85 8.18
N SER B 148 22.50 3.05 9.00
CA SER B 148 23.12 1.86 9.56
C SER B 148 22.65 0.54 8.93
N ALA B 149 22.16 0.59 7.69
CA ALA B 149 21.72 -0.64 7.05
C ALA B 149 22.86 -1.67 7.00
N SER B 150 22.52 -2.91 7.36
CA SER B 150 23.46 -4.03 7.31
C SER B 150 23.30 -4.79 5.98
N MET B 151 22.17 -4.55 5.32
CA MET B 151 21.81 -5.24 4.08
C MET B 151 21.04 -4.30 3.17
N LEU B 152 21.30 -4.43 1.87
CA LEU B 152 20.52 -3.74 0.86
C LEU B 152 20.00 -4.72 -0.16
N VAL B 153 18.69 -4.68 -0.41
CA VAL B 153 18.08 -5.52 -1.46
C VAL B 153 17.45 -4.59 -2.48
N HIS B 154 17.96 -4.59 -3.72
CA HIS B 154 17.56 -3.59 -4.69
C HIS B 154 17.31 -4.16 -6.09
N GLY B 155 16.48 -3.46 -6.85
CA GLY B 155 16.23 -3.85 -8.26
C GLY B 155 17.16 -3.09 -9.19
N ILE B 156 17.11 -3.47 -10.47
CA ILE B 156 17.81 -2.75 -11.52
C ILE B 156 16.85 -2.62 -12.69
N GLY B 157 16.77 -1.44 -13.29
CA GLY B 157 15.84 -1.21 -14.41
C GLY B 157 16.50 -0.65 -15.64
N GLU B 158 15.88 -0.81 -16.81
CA GLU B 158 16.39 -0.13 -18.01
C GLU B 158 16.00 1.33 -17.88
N ALA B 159 16.88 2.24 -18.29
CA ALA B 159 16.71 3.67 -18.01
C ALA B 159 15.40 4.24 -18.55
N LYS B 160 15.12 3.97 -19.83
CA LYS B 160 13.94 4.55 -20.46
C LYS B 160 12.65 4.03 -19.83
N THR B 161 12.62 2.74 -19.55
CA THR B 161 11.45 2.13 -18.93
C THR B 161 11.18 2.77 -17.58
N MET B 162 12.24 2.97 -16.80
CA MET B 162 12.10 3.58 -15.48
C MET B 162 11.70 5.05 -15.52
N ALA B 163 12.30 5.81 -16.44
CA ALA B 163 11.96 7.21 -16.60
C ALA B 163 10.47 7.35 -16.90
N GLN B 164 9.97 6.43 -17.73
CA GLN B 164 8.55 6.43 -18.12
C GLN B 164 7.60 5.97 -17.02
N ARG B 165 8.00 4.94 -16.28
CA ARG B 165 7.14 4.41 -15.22
C ARG B 165 6.94 5.41 -14.08
N ARG B 166 7.99 6.14 -13.71
CA ARG B 166 7.90 7.11 -12.64
C ARG B 166 7.38 8.42 -13.19
N ASN B 167 6.99 9.33 -12.32
CA ASN B 167 6.55 10.63 -12.80
CA ASN B 167 6.54 10.64 -12.74
C ASN B 167 7.76 11.54 -13.00
N THR B 168 8.43 11.31 -14.13
CA THR B 168 9.66 12.02 -14.44
C THR B 168 9.38 13.31 -15.21
N PRO B 169 9.71 14.47 -14.60
CA PRO B 169 9.57 15.78 -15.23
C PRO B 169 10.30 15.85 -16.56
N LEU B 170 9.69 16.56 -17.52
CA LEU B 170 10.25 16.71 -18.86
C LEU B 170 11.72 17.12 -18.86
N GLU B 171 12.08 18.03 -17.96
CA GLU B 171 13.45 18.51 -17.82
C GLU B 171 14.40 17.36 -17.57
N ASP B 172 13.95 16.38 -16.79
CA ASP B 172 14.79 15.25 -16.41
C ASP B 172 14.84 14.19 -17.51
N LEU B 173 13.73 14.01 -18.23
CA LEU B 173 13.71 13.12 -19.39
C LEU B 173 14.78 13.55 -20.40
N LYS B 174 14.87 14.85 -20.65
CA LYS B 174 15.87 15.40 -21.58
C LYS B 174 17.31 15.06 -21.15
N LYS B 175 17.59 15.19 -19.85
CA LYS B 175 18.91 14.89 -19.27
C LYS B 175 19.24 13.40 -19.37
N ILE B 176 18.25 12.55 -19.03
CA ILE B 176 18.42 11.10 -19.14
C ILE B 176 18.76 10.68 -20.59
N ASP B 177 18.08 11.26 -21.56
CA ASP B 177 18.32 10.95 -22.96
C ASP B 177 19.63 11.53 -23.48
N ASP B 178 19.89 12.79 -23.16
CA ASP B 178 21.06 13.50 -23.66
C ASP B 178 22.37 12.85 -23.19
N ASN B 179 22.35 12.28 -21.99
CA ASN B 179 23.52 11.66 -21.39
C ASN B 179 23.57 10.13 -21.57
N ASP B 180 22.75 9.62 -22.49
CA ASP B 180 22.76 8.18 -22.85
C ASP B 180 22.69 7.24 -21.66
N ALA B 181 21.76 7.52 -20.75
CA ALA B 181 21.55 6.60 -19.61
C ALA B 181 21.02 5.28 -20.17
N VAL B 182 21.52 4.17 -19.64
CA VAL B 182 21.10 2.82 -20.05
CA VAL B 182 21.00 2.86 -20.06
C VAL B 182 20.45 2.03 -18.91
N THR B 183 20.84 2.35 -17.68
CA THR B 183 20.38 1.55 -16.53
C THR B 183 20.06 2.46 -15.36
N GLU B 184 19.33 1.92 -14.39
CA GLU B 184 18.86 2.67 -13.22
C GLU B 184 18.86 1.73 -12.01
N ALA B 185 19.25 2.27 -10.85
CA ALA B 185 19.14 1.56 -9.59
C ALA B 185 19.03 2.59 -8.49
N PHE B 186 18.10 2.35 -7.56
CA PHE B 186 17.83 3.20 -6.39
C PHE B 186 17.99 4.72 -6.63
N GLY B 187 17.41 5.22 -7.73
CA GLY B 187 17.32 6.68 -8.00
C GLY B 187 18.52 7.26 -8.71
N TYR B 188 19.41 6.40 -9.19
CA TYR B 188 20.53 6.81 -10.02
C TYR B 188 20.41 6.21 -11.41
N TYR B 189 20.59 7.06 -12.42
CA TYR B 189 20.65 6.60 -13.83
C TYR B 189 22.11 6.56 -14.25
N PHE B 190 22.53 5.45 -14.87
CA PHE B 190 23.92 5.25 -15.26
C PHE B 190 24.05 5.05 -16.77
N ASN B 191 25.22 5.40 -17.31
CA ASN B 191 25.51 5.17 -18.72
C ASN B 191 26.10 3.77 -18.92
N ALA B 192 26.54 3.46 -20.15
CA ALA B 192 27.00 2.12 -20.48
C ALA B 192 28.28 1.71 -19.76
N ASP B 193 29.01 2.69 -19.25
CA ASP B 193 30.22 2.42 -18.47
C ASP B 193 29.98 2.40 -16.95
N GLY B 194 28.71 2.44 -16.54
CA GLY B 194 28.34 2.41 -15.13
C GLY B 194 28.54 3.73 -14.39
N GLU B 195 28.79 4.81 -15.13
CA GLU B 195 28.94 6.13 -14.54
C GLU B 195 27.59 6.81 -14.32
N VAL B 196 27.44 7.52 -13.20
CA VAL B 196 26.20 8.23 -12.89
C VAL B 196 26.04 9.38 -13.88
N VAL B 197 24.88 9.44 -14.52
CA VAL B 197 24.59 10.56 -15.43
C VAL B 197 23.37 11.38 -15.02
N HIS B 198 22.53 10.83 -14.13
CA HIS B 198 21.38 11.59 -13.64
C HIS B 198 20.98 11.04 -12.28
N LYS B 199 20.66 11.92 -11.34
CA LYS B 199 20.24 11.48 -10.01
CA LYS B 199 20.26 11.52 -9.98
C LYS B 199 18.86 12.03 -9.69
N VAL B 200 17.98 11.15 -9.20
CA VAL B 200 16.65 11.60 -8.76
C VAL B 200 16.86 12.26 -7.39
N HIS B 201 16.30 13.45 -7.19
CA HIS B 201 16.42 14.10 -5.89
CA HIS B 201 16.39 14.13 -5.88
C HIS B 201 15.54 13.40 -4.85
N SER B 202 16.17 12.79 -3.86
CA SER B 202 15.41 12.04 -2.87
C SER B 202 16.03 12.23 -1.47
N VAL B 203 15.73 11.32 -0.56
CA VAL B 203 16.32 11.33 0.79
C VAL B 203 16.79 9.91 1.04
N GLY B 204 17.52 9.69 2.12
CA GLY B 204 17.95 8.35 2.51
C GLY B 204 19.27 7.97 1.86
N MET B 205 19.39 6.70 1.55
CA MET B 205 20.63 6.12 1.04
C MET B 205 21.12 6.78 -0.25
N GLN B 206 22.41 7.14 -0.28
CA GLN B 206 23.01 7.62 -1.51
CA GLN B 206 23.09 7.67 -1.46
C GLN B 206 24.02 6.62 -2.03
N LEU B 207 24.42 6.78 -3.29
CA LEU B 207 25.32 5.81 -3.90
C LEU B 207 26.60 5.55 -3.09
N ASP B 208 27.21 6.60 -2.55
CA ASP B 208 28.43 6.44 -1.77
C ASP B 208 28.22 5.61 -0.51
N ASP B 209 26.98 5.59 -0.04
CA ASP B 209 26.63 4.83 1.17
C ASP B 209 26.64 3.29 0.99
N ILE B 210 26.50 2.81 -0.24
CA ILE B 210 26.44 1.35 -0.38
C ILE B 210 27.78 0.70 -0.02
N ASP B 211 28.89 1.46 -0.10
CA ASP B 211 30.21 0.87 0.16
C ASP B 211 30.27 0.36 1.61
N ALA B 212 29.46 0.94 2.49
CA ALA B 212 29.48 0.65 3.93
C ALA B 212 28.50 -0.46 4.31
N ILE B 213 27.75 -0.96 3.32
CA ILE B 213 26.75 -1.99 3.53
C ILE B 213 27.40 -3.32 3.18
N PRO B 214 27.60 -4.19 4.19
CA PRO B 214 28.32 -5.44 3.91
C PRO B 214 27.64 -6.40 2.92
N ASP B 215 26.31 -6.50 2.98
CA ASP B 215 25.63 -7.48 2.11
C ASP B 215 24.66 -6.78 1.19
N ILE B 216 24.96 -6.80 -0.11
CA ILE B 216 24.08 -6.13 -1.08
C ILE B 216 23.62 -7.21 -2.07
N ILE B 217 22.30 -7.27 -2.27
CA ILE B 217 21.66 -8.24 -3.15
C ILE B 217 20.82 -7.48 -4.18
N ALA B 218 21.24 -7.56 -5.44
CA ALA B 218 20.48 -7.02 -6.58
C ALA B 218 19.62 -8.13 -7.12
N VAL B 219 18.37 -7.82 -7.44
CA VAL B 219 17.45 -8.83 -8.00
C VAL B 219 16.85 -8.24 -9.26
N ALA B 220 17.22 -8.77 -10.42
CA ALA B 220 16.74 -8.22 -11.70
C ALA B 220 16.96 -9.25 -12.77
N GLY B 221 15.95 -9.45 -13.62
CA GLY B 221 16.10 -10.40 -14.73
C GLY B 221 15.23 -10.09 -15.91
N GLY B 222 15.16 -11.04 -16.85
CA GLY B 222 14.43 -10.85 -18.08
C GLY B 222 15.35 -10.38 -19.16
N SER B 223 15.22 -10.97 -20.35
CA SER B 223 16.09 -10.63 -21.48
CA SER B 223 16.05 -10.63 -21.52
C SER B 223 16.15 -9.12 -21.76
N SER B 224 15.05 -8.40 -21.49
CA SER B 224 14.99 -6.96 -21.73
C SER B 224 15.99 -6.18 -20.89
N LYS B 225 16.41 -6.77 -19.76
CA LYS B 225 17.33 -6.14 -18.82
C LYS B 225 18.81 -6.47 -19.01
N ALA B 226 19.14 -7.31 -20.00
CA ALA B 226 20.52 -7.72 -20.18
C ALA B 226 21.52 -6.55 -20.26
N GLU B 227 21.27 -5.53 -21.09
CA GLU B 227 22.19 -4.39 -21.23
CA GLU B 227 22.24 -4.44 -21.20
C GLU B 227 22.23 -3.55 -19.95
N ALA B 228 21.08 -3.44 -19.30
CA ALA B 228 21.00 -2.64 -18.06
C ALA B 228 21.84 -3.26 -16.94
N ILE B 229 21.76 -4.58 -16.84
CA ILE B 229 22.48 -5.29 -15.80
C ILE B 229 23.99 -5.20 -16.08
N GLU B 230 24.36 -5.44 -17.34
CA GLU B 230 25.76 -5.31 -17.74
C GLU B 230 26.35 -3.92 -17.40
N ALA B 231 25.61 -2.87 -17.76
CA ALA B 231 26.07 -1.50 -17.52
C ALA B 231 26.26 -1.24 -16.02
N TYR B 232 25.26 -1.64 -15.22
CA TYR B 232 25.31 -1.36 -13.79
C TYR B 232 26.59 -1.96 -13.18
N PHE B 233 26.93 -3.18 -13.60
CA PHE B 233 28.05 -3.90 -13.00
C PHE B 233 29.40 -3.63 -13.66
N LYS B 234 29.44 -2.58 -14.48
CA LYS B 234 30.72 -2.13 -15.04
C LYS B 234 31.65 -1.64 -13.95
N LYS B 235 31.06 -1.17 -12.85
CA LYS B 235 31.79 -0.64 -11.68
C LYS B 235 31.87 -1.69 -10.57
N PRO B 236 32.87 -1.60 -9.66
CA PRO B 236 32.80 -2.49 -8.48
C PRO B 236 31.60 -2.14 -7.61
N ARG B 237 30.79 -3.14 -7.31
CA ARG B 237 29.61 -2.92 -6.47
C ARG B 237 29.55 -3.85 -5.25
N ASN B 238 30.50 -4.79 -5.15
CA ASN B 238 30.51 -5.80 -4.08
C ASN B 238 29.14 -6.41 -3.86
N THR B 239 28.54 -6.93 -4.92
CA THR B 239 27.11 -7.25 -4.90
C THR B 239 26.87 -8.68 -5.34
N VAL B 240 25.86 -9.31 -4.74
CA VAL B 240 25.36 -10.62 -5.23
C VAL B 240 24.22 -10.32 -6.19
N LEU B 241 24.29 -10.86 -7.40
CA LEU B 241 23.16 -10.70 -8.33
C LEU B 241 22.28 -11.94 -8.39
N VAL B 242 20.99 -11.76 -8.15
CA VAL B 242 20.02 -12.83 -8.42
C VAL B 242 19.32 -12.44 -9.73
N THR B 243 19.33 -13.35 -10.69
CA THR B 243 18.81 -13.03 -12.04
C THR B 243 18.25 -14.31 -12.65
N ASP B 244 17.91 -14.28 -13.94
CA ASP B 244 17.39 -15.47 -14.62
C ASP B 244 18.16 -15.76 -15.90
N GLU B 245 17.87 -16.90 -16.51
CA GLU B 245 18.49 -17.28 -17.78
C GLU B 245 18.22 -16.28 -18.89
N GLY B 246 17.01 -15.74 -18.92
CA GLY B 246 16.67 -14.70 -19.93
C GLY B 246 17.72 -13.60 -19.97
N ALA B 247 17.96 -12.95 -18.84
CA ALA B 247 18.96 -11.88 -18.77
C ALA B 247 20.38 -12.41 -18.93
N ALA B 248 20.72 -13.48 -18.21
CA ALA B 248 22.10 -13.97 -18.17
C ALA B 248 22.57 -14.44 -19.55
N LYS B 249 21.76 -15.28 -20.20
CA LYS B 249 22.10 -15.78 -21.55
C LYS B 249 22.24 -14.67 -22.60
N LYS B 250 21.30 -13.72 -22.58
CA LYS B 250 21.36 -12.59 -23.51
C LYS B 250 22.61 -11.75 -23.29
N LEU B 251 22.92 -11.47 -22.03
CA LEU B 251 24.11 -10.73 -21.66
C LEU B 251 25.35 -11.46 -22.18
N LEU B 252 25.41 -12.78 -21.97
CA LEU B 252 26.64 -13.52 -22.27
C LEU B 252 26.82 -13.81 -23.75
N ARG B 253 25.73 -13.72 -24.51
CA ARG B 253 25.69 -14.01 -25.93
C ARG B 253 26.55 -13.02 -26.72
#